data_5WAL
#
_entry.id   5WAL
#
_cell.length_a   36.097
_cell.length_b   74.301
_cell.length_c   106.444
_cell.angle_alpha   90.00
_cell.angle_beta   90.00
_cell.angle_gamma   90.00
#
_symmetry.space_group_name_H-M   'P 21 21 21'
#
loop_
_entity.id
_entity.type
_entity.pdbx_description
1 polymer 'Non-receptor tyrosine-protein kinase TYK2'
2 non-polymer N-[2-(2,6-dichlorophenyl)-1H-imidazo[4,5-c]pyridin-4-yl]cyclopropanecarboxamide
3 water water
#
_entity_poly.entity_id   1
_entity_poly.type   'polypeptide(L)'
_entity_poly.pdbx_seq_one_letter_code
;MGSPASDPTVFHKRYLKKIRDLGEGHFGKVSLYCYDPTNDGTGEMVAVKALKADAGPQHRSGWKQEIDILRTLYHEHIIK
YKGCCEDAGAASLQLVMEYVPLGSLRDYLPRHSIGLAQLLLFAQQICEGMAYLHAQHYIHRNLAARNVLLDNDRLVKIGD
FGLAKAVPEGHEYYRVREDGDSPVFWYAPECLKEYKFYYASDVWSFGVTLYELLTHCDSSQSPPTKFLELIGIAQGQMTV
LRLTELLERGERLPRPDKCPAEVYHLMKNCWETEASFRPTFENLIPILKTVHEKYRHHHHHH
;
_entity_poly.pdbx_strand_id   A
#
loop_
_chem_comp.id
_chem_comp.type
_chem_comp.name
_chem_comp.formula
9ZS non-polymer N-[2-(2,6-dichlorophenyl)-1H-imidazo[4,5-c]pyridin-4-yl]cyclopropanecarboxamide 'C16 H12 Cl2 N4 O'
#
# COMPACT_ATOMS: atom_id res chain seq x y z
N THR A 9 -4.47 24.14 -4.85
CA THR A 9 -4.32 24.12 -6.32
C THR A 9 -5.62 23.63 -6.96
N VAL A 10 -5.93 24.12 -8.17
CA VAL A 10 -7.14 23.75 -8.89
C VAL A 10 -6.88 23.59 -10.40
N PHE A 11 -7.38 22.48 -10.96
CA PHE A 11 -7.29 22.14 -12.37
C PHE A 11 -8.65 22.30 -13.04
N HIS A 12 -8.66 22.74 -14.29
CA HIS A 12 -9.89 22.93 -15.05
C HIS A 12 -10.22 21.63 -15.80
N LYS A 13 -11.42 21.05 -15.55
CA LYS A 13 -11.89 19.81 -16.20
C LYS A 13 -11.81 19.91 -17.72
N ARG A 14 -12.03 21.14 -18.21
CA ARG A 14 -12.02 21.57 -19.61
C ARG A 14 -10.69 21.32 -20.30
N TYR A 15 -9.58 21.16 -19.53
CA TYR A 15 -8.26 20.90 -20.13
C TYR A 15 -7.75 19.48 -19.85
N LEU A 16 -8.57 18.65 -19.19
CA LEU A 16 -8.22 17.26 -18.90
C LEU A 16 -8.57 16.35 -20.07
N LYS A 17 -7.53 15.85 -20.77
CA LYS A 17 -7.65 14.97 -21.93
C LYS A 17 -7.42 13.52 -21.51
N LYS A 18 -8.51 12.72 -21.40
CA LYS A 18 -8.38 11.34 -21.01
C LYS A 18 -7.50 10.55 -21.98
N ILE A 19 -6.53 9.78 -21.45
CA ILE A 19 -5.64 8.94 -22.25
C ILE A 19 -6.07 7.46 -22.08
N ARG A 20 -6.16 7.01 -20.81
CA ARG A 20 -6.56 5.65 -20.45
C ARG A 20 -6.92 5.49 -18.98
N ASP A 21 -7.47 4.32 -18.61
CA ASP A 21 -7.76 3.97 -17.23
C ASP A 21 -6.53 3.31 -16.61
N LEU A 22 -6.18 3.69 -15.37
CA LEU A 22 -5.02 3.12 -14.67
C LEU A 22 -5.40 1.96 -13.76
N GLY A 23 -6.56 2.07 -13.14
CA GLY A 23 -7.05 1.01 -12.29
C GLY A 23 -8.13 1.45 -11.33
N GLU A 24 -8.27 0.69 -10.24
CA GLU A 24 -9.26 0.97 -9.22
C GLU A 24 -8.64 1.38 -7.91
N GLY A 25 -9.12 2.51 -7.40
CA GLY A 25 -8.80 3.01 -6.07
C GLY A 25 -9.88 2.50 -5.13
N HIS A 26 -9.87 2.93 -3.85
CA HIS A 26 -10.85 2.42 -2.90
C HIS A 26 -12.27 2.99 -3.09
N PHE A 27 -12.39 4.32 -3.29
CA PHE A 27 -13.70 4.97 -3.41
C PHE A 27 -14.08 5.31 -4.86
N GLY A 28 -13.24 4.85 -5.79
CA GLY A 28 -13.47 5.04 -7.23
C GLY A 28 -12.35 4.53 -8.09
N LYS A 29 -12.16 5.11 -9.27
CA LYS A 29 -11.12 4.65 -10.18
C LYS A 29 -10.00 5.66 -10.41
N VAL A 30 -8.84 5.16 -10.86
CA VAL A 30 -7.67 5.99 -11.19
C VAL A 30 -7.57 6.01 -12.73
N SER A 31 -7.46 7.21 -13.29
CA SER A 31 -7.40 7.38 -14.74
C SER A 31 -6.23 8.29 -15.11
N LEU A 32 -5.64 8.05 -16.28
CA LEU A 32 -4.54 8.82 -16.83
C LEU A 32 -5.09 9.88 -17.77
N TYR A 33 -4.68 11.13 -17.54
CA TYR A 33 -5.07 12.30 -18.33
C TYR A 33 -3.86 13.10 -18.76
N CYS A 34 -4.04 13.91 -19.81
CA CYS A 34 -3.05 14.91 -20.20
C CYS A 34 -3.73 16.23 -19.87
N TYR A 35 -3.13 17.01 -18.97
CA TYR A 35 -3.66 18.33 -18.61
C TYR A 35 -2.99 19.31 -19.57
N ASP A 36 -3.69 19.63 -20.66
CA ASP A 36 -3.21 20.41 -21.79
C ASP A 36 -3.91 21.78 -22.01
N PRO A 37 -3.65 22.82 -21.15
CA PRO A 37 -4.32 24.13 -21.37
C PRO A 37 -4.01 24.83 -22.69
N THR A 38 -2.81 24.61 -23.27
CA THR A 38 -2.39 25.22 -24.54
C THR A 38 -2.92 24.47 -25.77
N ASN A 39 -3.46 23.25 -25.56
CA ASN A 39 -4.03 22.35 -26.58
C ASN A 39 -3.01 21.97 -27.69
N ASP A 40 -1.76 21.70 -27.29
CA ASP A 40 -0.71 21.31 -28.24
C ASP A 40 -0.09 19.92 -27.96
N GLY A 41 -0.52 19.29 -26.86
CA GLY A 41 -0.06 17.99 -26.43
C GLY A 41 1.17 17.99 -25.54
N THR A 42 1.73 19.19 -25.22
CA THR A 42 2.93 19.34 -24.37
C THR A 42 2.58 19.25 -22.89
N GLY A 43 1.28 19.27 -22.59
CA GLY A 43 0.74 19.24 -21.25
C GLY A 43 1.23 18.09 -20.41
N GLU A 44 1.18 18.27 -19.09
CA GLU A 44 1.60 17.26 -18.13
C GLU A 44 0.64 16.06 -18.11
N MET A 45 1.21 14.86 -18.01
CA MET A 45 0.45 13.64 -17.86
C MET A 45 0.16 13.51 -16.36
N VAL A 46 -1.12 13.46 -15.99
CA VAL A 46 -1.55 13.34 -14.59
C VAL A 46 -2.38 12.10 -14.36
N ALA A 47 -2.30 11.58 -13.14
CA ALA A 47 -3.09 10.46 -12.66
C ALA A 47 -4.19 11.10 -11.80
N VAL A 48 -5.45 10.82 -12.15
CA VAL A 48 -6.61 11.42 -11.51
C VAL A 48 -7.45 10.34 -10.83
N LYS A 49 -7.74 10.55 -9.54
CA LYS A 49 -8.55 9.65 -8.75
C LYS A 49 -9.98 10.24 -8.58
N ALA A 50 -11.00 9.48 -8.99
CA ALA A 50 -12.40 9.91 -8.93
C ALA A 50 -13.31 9.04 -8.04
N LEU A 51 -14.37 9.67 -7.49
CA LEU A 51 -15.39 9.01 -6.67
C LEU A 51 -16.37 8.35 -7.63
N LYS A 52 -16.51 7.00 -7.53
CA LYS A 52 -17.46 6.20 -8.33
C LYS A 52 -18.86 6.78 -8.06
N ALA A 53 -19.51 7.31 -9.11
CA ALA A 53 -20.80 8.03 -9.11
C ALA A 53 -21.93 7.45 -8.23
N ASP A 54 -22.10 6.11 -8.21
CA ASP A 54 -23.17 5.43 -7.47
C ASP A 54 -22.88 5.21 -5.97
N ALA A 55 -21.78 5.84 -5.46
CA ALA A 55 -21.35 5.75 -4.06
C ALA A 55 -22.38 6.31 -3.09
N GLY A 56 -22.58 5.60 -1.98
CA GLY A 56 -23.51 5.98 -0.94
C GLY A 56 -22.92 7.00 0.03
N PRO A 57 -23.69 7.43 1.06
CA PRO A 57 -23.15 8.41 2.02
C PRO A 57 -21.89 7.92 2.75
N GLN A 58 -21.78 6.59 2.96
CA GLN A 58 -20.66 5.91 3.62
C GLN A 58 -19.36 5.98 2.79
N HIS A 59 -19.44 5.70 1.47
CA HIS A 59 -18.29 5.76 0.56
C HIS A 59 -17.89 7.20 0.24
N ARG A 60 -18.80 8.16 0.47
CA ARG A 60 -18.57 9.58 0.22
C ARG A 60 -17.82 10.26 1.35
N SER A 61 -18.13 9.90 2.62
CA SER A 61 -17.46 10.45 3.80
C SER A 61 -16.04 9.90 3.87
N GLY A 62 -15.86 8.66 3.41
CA GLY A 62 -14.59 7.97 3.33
C GLY A 62 -13.68 8.59 2.29
N TRP A 63 -14.27 9.01 1.14
CA TRP A 63 -13.56 9.66 0.04
C TRP A 63 -13.04 11.05 0.46
N LYS A 64 -13.86 11.84 1.20
CA LYS A 64 -13.50 13.16 1.73
C LYS A 64 -12.33 13.07 2.72
N GLN A 65 -12.23 11.94 3.46
CA GLN A 65 -11.16 11.66 4.41
C GLN A 65 -9.85 11.46 3.65
N GLU A 66 -9.87 10.64 2.56
CA GLU A 66 -8.70 10.36 1.72
C GLU A 66 -8.19 11.64 1.02
N ILE A 67 -9.12 12.49 0.51
CA ILE A 67 -8.82 13.78 -0.13
C ILE A 67 -8.00 14.61 0.87
N ASP A 68 -8.49 14.73 2.12
CA ASP A 68 -7.86 15.52 3.17
C ASP A 68 -6.50 15.00 3.56
N ILE A 69 -6.34 13.66 3.60
CA ILE A 69 -5.08 13.00 3.94
C ILE A 69 -4.05 13.28 2.85
N LEU A 70 -4.44 13.08 1.59
CA LEU A 70 -3.60 13.31 0.43
C LEU A 70 -3.19 14.75 0.21
N ARG A 71 -4.05 15.75 0.53
CA ARG A 71 -3.69 17.16 0.33
C ARG A 71 -2.83 17.76 1.47
N THR A 72 -2.43 16.94 2.47
CA THR A 72 -1.58 17.39 3.59
C THR A 72 -0.24 16.62 3.65
N LEU A 73 -0.12 15.48 2.94
CA LEU A 73 1.10 14.68 2.97
C LEU A 73 2.17 15.14 1.99
N TYR A 74 3.38 15.35 2.53
CA TYR A 74 4.56 15.77 1.77
CA TYR A 74 4.55 15.78 1.76
C TYR A 74 5.78 15.02 2.25
N HIS A 75 6.26 14.10 1.42
CA HIS A 75 7.43 13.27 1.66
C HIS A 75 7.93 12.84 0.31
N GLU A 76 9.25 12.64 0.19
CA GLU A 76 9.86 12.22 -1.05
C GLU A 76 9.48 10.77 -1.44
N HIS A 77 9.07 9.95 -0.45
CA HIS A 77 8.67 8.56 -0.70
C HIS A 77 7.17 8.37 -0.55
N ILE A 78 6.40 9.43 -0.89
CA ILE A 78 4.93 9.48 -0.90
C ILE A 78 4.52 10.22 -2.16
N ILE A 79 3.59 9.63 -2.93
CA ILE A 79 3.07 10.20 -4.18
C ILE A 79 2.71 11.69 -4.01
N LYS A 80 3.14 12.49 -4.97
CA LYS A 80 2.96 13.92 -4.95
C LYS A 80 1.55 14.32 -5.39
N TYR A 81 0.82 14.97 -4.47
CA TYR A 81 -0.50 15.54 -4.71
C TYR A 81 -0.25 16.82 -5.53
N LYS A 82 -1.01 17.01 -6.62
CA LYS A 82 -0.85 18.18 -7.49
C LYS A 82 -1.93 19.21 -7.24
N GLY A 83 -3.15 18.75 -7.01
CA GLY A 83 -4.32 19.58 -6.77
C GLY A 83 -5.63 18.83 -6.92
N CYS A 84 -6.72 19.57 -7.10
N CYS A 84 -6.73 19.58 -7.08
CA CYS A 84 -8.07 19.02 -7.25
CA CYS A 84 -8.07 19.02 -7.24
C CYS A 84 -8.76 19.53 -8.52
C CYS A 84 -8.76 19.54 -8.49
N CYS A 85 -9.93 18.95 -8.81
CA CYS A 85 -10.77 19.31 -9.94
C CYS A 85 -12.22 19.12 -9.56
N GLU A 86 -13.14 19.96 -10.07
CA GLU A 86 -14.54 19.78 -9.72
C GLU A 86 -15.17 18.69 -10.58
N ASP A 87 -15.66 17.63 -9.92
CA ASP A 87 -16.32 16.53 -10.60
C ASP A 87 -17.81 16.80 -10.53
N ALA A 88 -18.33 17.49 -11.56
CA ALA A 88 -19.74 17.84 -11.70
C ALA A 88 -20.60 16.58 -11.81
N GLY A 89 -20.06 15.52 -12.44
CA GLY A 89 -20.68 14.23 -12.64
C GLY A 89 -20.96 13.44 -11.38
N ALA A 90 -20.03 13.46 -10.41
CA ALA A 90 -20.19 12.76 -9.13
C ALA A 90 -20.54 13.74 -7.99
N ALA A 91 -20.62 15.07 -8.32
CA ALA A 91 -20.92 16.19 -7.42
C ALA A 91 -19.92 16.28 -6.25
N SER A 92 -18.63 15.97 -6.53
CA SER A 92 -17.54 16.01 -5.57
C SER A 92 -16.27 16.51 -6.25
N LEU A 93 -15.08 16.12 -5.72
CA LEU A 93 -13.79 16.50 -6.29
C LEU A 93 -13.04 15.31 -6.88
N GLN A 94 -12.12 15.60 -7.81
CA GLN A 94 -11.25 14.63 -8.45
C GLN A 94 -9.80 14.95 -8.02
N LEU A 95 -9.12 13.98 -7.40
CA LEU A 95 -7.76 14.09 -6.89
C LEU A 95 -6.69 14.01 -7.98
N VAL A 96 -6.03 15.13 -8.30
CA VAL A 96 -4.97 15.16 -9.30
C VAL A 96 -3.60 14.86 -8.65
N MET A 97 -2.99 13.73 -9.06
CA MET A 97 -1.70 13.23 -8.57
CA MET A 97 -1.71 13.22 -8.58
C MET A 97 -0.69 13.22 -9.71
N GLU A 98 0.60 13.11 -9.36
CA GLU A 98 1.66 13.02 -10.36
C GLU A 98 1.55 11.60 -10.97
N TYR A 99 1.80 11.48 -12.27
CA TYR A 99 1.76 10.19 -12.93
C TYR A 99 3.12 9.53 -12.79
N VAL A 100 3.13 8.29 -12.27
CA VAL A 100 4.34 7.49 -12.07
C VAL A 100 4.26 6.40 -13.16
N PRO A 101 4.89 6.62 -14.34
CA PRO A 101 4.70 5.69 -15.46
C PRO A 101 5.14 4.24 -15.28
N LEU A 102 6.23 3.97 -14.53
CA LEU A 102 6.72 2.59 -14.36
C LEU A 102 5.77 1.73 -13.50
N GLY A 103 4.80 2.38 -12.87
CA GLY A 103 3.76 1.74 -12.08
C GLY A 103 4.17 1.11 -10.78
N SER A 104 3.37 0.11 -10.35
CA SER A 104 3.52 -0.60 -9.09
C SER A 104 4.61 -1.67 -9.09
N LEU A 105 5.12 -1.98 -7.87
CA LEU A 105 6.13 -3.01 -7.68
C LEU A 105 5.57 -4.40 -8.05
N ARG A 106 4.26 -4.57 -7.85
CA ARG A 106 3.51 -5.79 -8.18
C ARG A 106 3.52 -6.00 -9.70
N ASP A 107 3.46 -4.90 -10.47
CA ASP A 107 3.47 -4.95 -11.92
CA ASP A 107 3.48 -4.94 -11.94
C ASP A 107 4.91 -5.03 -12.49
N TYR A 108 5.81 -4.17 -11.99
CA TYR A 108 7.20 -4.02 -12.41
C TYR A 108 8.13 -5.21 -12.14
N LEU A 109 8.20 -5.69 -10.87
CA LEU A 109 9.15 -6.75 -10.47
C LEU A 109 9.01 -8.09 -11.26
N PRO A 110 7.81 -8.60 -11.64
CA PRO A 110 7.78 -9.87 -12.39
C PRO A 110 8.22 -9.75 -13.85
N ARG A 111 8.48 -8.52 -14.33
CA ARG A 111 8.86 -8.19 -15.70
C ARG A 111 10.28 -7.61 -15.83
N HIS A 112 10.92 -7.28 -14.69
CA HIS A 112 12.29 -6.76 -14.64
C HIS A 112 13.01 -7.44 -13.50
N SER A 113 14.20 -8.03 -13.74
CA SER A 113 14.96 -8.69 -12.68
C SER A 113 15.78 -7.68 -11.87
N ILE A 114 15.26 -7.28 -10.72
CA ILE A 114 15.90 -6.31 -9.82
C ILE A 114 16.76 -7.04 -8.78
N GLY A 115 18.01 -6.60 -8.64
CA GLY A 115 18.97 -7.16 -7.70
C GLY A 115 18.61 -6.93 -6.25
N LEU A 116 19.19 -7.74 -5.34
CA LEU A 116 18.96 -7.71 -3.89
C LEU A 116 19.12 -6.30 -3.30
N ALA A 117 20.24 -5.61 -3.63
CA ALA A 117 20.57 -4.28 -3.15
C ALA A 117 19.46 -3.28 -3.37
N GLN A 118 18.93 -3.21 -4.61
CA GLN A 118 17.85 -2.30 -4.98
C GLN A 118 16.57 -2.62 -4.22
N LEU A 119 16.27 -3.92 -4.05
CA LEU A 119 15.08 -4.36 -3.32
C LEU A 119 15.12 -3.87 -1.88
N LEU A 120 16.32 -3.83 -1.28
CA LEU A 120 16.54 -3.38 0.10
C LEU A 120 16.41 -1.90 0.21
N LEU A 121 16.86 -1.16 -0.85
CA LEU A 121 16.75 0.30 -0.93
C LEU A 121 15.26 0.67 -0.95
N PHE A 122 14.46 -0.07 -1.74
CA PHE A 122 13.01 0.08 -1.84
C PHE A 122 12.36 -0.11 -0.47
N ALA A 123 12.74 -1.17 0.26
CA ALA A 123 12.25 -1.47 1.62
C ALA A 123 12.57 -0.30 2.54
N GLN A 124 13.83 0.18 2.50
CA GLN A 124 14.30 1.35 3.26
C GLN A 124 13.42 2.59 3.00
N GLN A 125 13.13 2.87 1.70
CA GLN A 125 12.30 4.01 1.26
C GLN A 125 10.86 3.91 1.75
N ILE A 126 10.27 2.69 1.69
CA ILE A 126 8.92 2.38 2.19
C ILE A 126 8.87 2.75 3.67
N CYS A 127 9.90 2.36 4.44
CA CYS A 127 10.05 2.68 5.86
C CYS A 127 10.18 4.15 6.12
N GLU A 128 10.97 4.87 5.28
CA GLU A 128 11.12 6.31 5.44
C GLU A 128 9.75 6.99 5.29
N GLY A 129 9.03 6.65 4.22
CA GLY A 129 7.71 7.19 3.97
C GLY A 129 6.70 6.83 5.04
N MET A 130 6.76 5.59 5.53
CA MET A 130 5.88 5.09 6.59
C MET A 130 6.18 5.71 7.99
N ALA A 131 7.46 6.04 8.28
CA ALA A 131 7.82 6.66 9.57
C ALA A 131 7.28 8.07 9.59
N TYR A 132 7.34 8.74 8.44
CA TYR A 132 6.79 10.05 8.23
C TYR A 132 5.26 10.00 8.43
N LEU A 133 4.58 9.04 7.77
CA LEU A 133 3.12 8.86 7.88
C LEU A 133 2.68 8.66 9.34
N HIS A 134 3.43 7.82 10.09
CA HIS A 134 3.15 7.57 11.50
C HIS A 134 3.38 8.80 12.37
N ALA A 135 4.38 9.66 12.03
CA ALA A 135 4.65 10.90 12.76
C ALA A 135 3.52 11.91 12.54
N GLN A 136 2.83 11.83 11.39
CA GLN A 136 1.68 12.68 11.03
C GLN A 136 0.36 12.14 11.67
N HIS A 137 0.48 11.02 12.41
CA HIS A 137 -0.56 10.30 13.15
C HIS A 137 -1.61 9.65 12.26
N TYR A 138 -1.14 8.96 11.24
CA TYR A 138 -2.03 8.24 10.35
C TYR A 138 -1.54 6.83 10.24
N ILE A 139 -2.47 5.90 10.04
CA ILE A 139 -2.18 4.51 9.75
C ILE A 139 -2.57 4.30 8.29
N HIS A 140 -1.79 3.49 7.56
CA HIS A 140 -2.02 3.19 6.14
C HIS A 140 -3.13 2.15 5.95
N ARG A 141 -3.04 1.01 6.66
CA ARG A 141 -4.00 -0.11 6.60
C ARG A 141 -4.01 -0.89 5.27
N ASN A 142 -3.16 -0.53 4.30
CA ASN A 142 -3.10 -1.24 3.01
C ASN A 142 -1.70 -1.20 2.41
N LEU A 143 -0.69 -1.43 3.25
CA LEU A 143 0.68 -1.44 2.81
C LEU A 143 0.99 -2.77 2.10
N ALA A 144 1.07 -2.71 0.77
CA ALA A 144 1.33 -3.87 -0.09
C ALA A 144 2.10 -3.39 -1.32
N ALA A 145 2.82 -4.32 -1.99
CA ALA A 145 3.60 -4.04 -3.19
C ALA A 145 2.78 -3.36 -4.26
N ARG A 146 1.49 -3.73 -4.36
CA ARG A 146 0.49 -3.18 -5.30
C ARG A 146 0.37 -1.66 -5.15
N ASN A 147 0.55 -1.15 -3.91
CA ASN A 147 0.38 0.26 -3.55
C ASN A 147 1.70 1.05 -3.46
N VAL A 148 2.79 0.45 -3.95
CA VAL A 148 4.10 1.06 -3.99
C VAL A 148 4.50 1.28 -5.46
N LEU A 149 4.66 2.56 -5.83
CA LEU A 149 5.01 3.00 -7.19
C LEU A 149 6.50 3.23 -7.37
N LEU A 150 7.05 2.77 -8.50
CA LEU A 150 8.47 2.89 -8.83
C LEU A 150 8.69 4.13 -9.71
N ASP A 151 9.27 5.20 -9.12
CA ASP A 151 9.53 6.45 -9.86
C ASP A 151 10.65 6.26 -10.85
N ASN A 152 11.65 5.46 -10.47
CA ASN A 152 12.83 5.02 -11.23
C ASN A 152 13.42 3.83 -10.46
N ASP A 153 14.38 3.09 -11.05
CA ASP A 153 15.02 1.91 -10.46
C ASP A 153 15.68 2.14 -9.07
N ARG A 154 15.80 3.42 -8.61
CA ARG A 154 16.41 3.79 -7.32
C ARG A 154 15.47 4.63 -6.45
N LEU A 155 14.22 4.83 -6.89
CA LEU A 155 13.25 5.64 -6.16
C LEU A 155 11.85 5.04 -6.14
N VAL A 156 11.35 4.82 -4.93
CA VAL A 156 10.02 4.27 -4.68
C VAL A 156 9.17 5.25 -3.85
N LYS A 157 7.85 5.24 -4.08
CA LYS A 157 6.86 6.11 -3.41
C LYS A 157 5.61 5.32 -3.05
N ILE A 158 5.05 5.54 -1.83
CA ILE A 158 3.78 4.94 -1.40
C ILE A 158 2.70 5.67 -2.21
N GLY A 159 2.03 4.92 -3.09
CA GLY A 159 1.09 5.48 -4.04
C GLY A 159 -0.41 5.50 -3.78
N ASP A 160 -0.91 4.72 -2.83
CA ASP A 160 -2.35 4.68 -2.58
C ASP A 160 -2.64 4.89 -1.12
N PHE A 161 -3.76 5.57 -0.80
CA PHE A 161 -4.15 5.91 0.58
C PHE A 161 -5.67 5.76 0.88
N GLY A 162 -6.33 4.86 0.15
CA GLY A 162 -7.76 4.57 0.24
C GLY A 162 -8.26 4.09 1.59
N LEU A 163 -7.44 3.31 2.29
CA LEU A 163 -7.77 2.76 3.60
C LEU A 163 -7.08 3.52 4.75
N ALA A 164 -6.32 4.60 4.43
CA ALA A 164 -5.58 5.39 5.42
C ALA A 164 -6.51 6.14 6.39
N LYS A 165 -6.19 6.12 7.70
CA LYS A 165 -6.99 6.74 8.77
C LYS A 165 -6.14 7.50 9.77
N ALA A 166 -6.72 8.55 10.40
CA ALA A 166 -6.05 9.35 11.44
C ALA A 166 -6.25 8.72 12.80
N VAL A 167 -5.15 8.51 13.53
CA VAL A 167 -5.13 7.98 14.90
C VAL A 167 -5.18 9.22 15.82
N PRO A 168 -6.27 9.42 16.62
CA PRO A 168 -6.33 10.62 17.50
C PRO A 168 -5.29 10.69 18.63
N HIS A 171 -4.49 7.80 22.10
CA HIS A 171 -4.88 6.68 21.25
C HIS A 171 -3.68 6.11 20.50
N GLU A 172 -3.53 4.78 20.50
CA GLU A 172 -2.44 4.10 19.76
C GLU A 172 -3.01 3.13 18.69
N TYR A 173 -4.35 2.93 18.69
CA TYR A 173 -5.07 2.10 17.73
C TYR A 173 -6.38 2.72 17.25
N TYR A 174 -6.82 2.24 16.07
CA TYR A 174 -8.08 2.60 15.44
C TYR A 174 -8.92 1.35 15.31
N ARG A 175 -10.24 1.46 15.58
CA ARG A 175 -11.14 0.31 15.47
C ARG A 175 -11.69 0.21 14.07
N VAL A 176 -11.39 -0.90 13.40
CA VAL A 176 -11.83 -1.17 12.02
C VAL A 176 -13.14 -1.96 12.00
N ARG A 177 -13.87 -1.85 10.87
CA ARG A 177 -15.12 -2.56 10.63
C ARG A 177 -14.86 -3.93 9.97
N GLU A 178 -15.75 -4.91 10.23
CA GLU A 178 -15.69 -6.27 9.68
C GLU A 178 -16.00 -6.14 8.16
N ASP A 179 -14.93 -5.95 7.36
CA ASP A 179 -15.01 -5.68 5.91
C ASP A 179 -14.54 -6.84 5.00
N GLY A 180 -15.20 -6.96 3.85
CA GLY A 180 -14.92 -7.98 2.85
C GLY A 180 -13.83 -7.60 1.86
N ASP A 181 -13.46 -6.31 1.85
CA ASP A 181 -12.41 -5.78 0.98
C ASP A 181 -11.10 -5.56 1.73
N SER A 182 -11.04 -5.99 3.01
CA SER A 182 -9.86 -5.89 3.86
C SER A 182 -8.70 -6.77 3.36
N PRO A 183 -7.47 -6.24 3.30
CA PRO A 183 -6.34 -7.05 2.82
C PRO A 183 -5.77 -7.96 3.91
N VAL A 184 -6.58 -8.95 4.33
CA VAL A 184 -6.32 -9.91 5.42
C VAL A 184 -4.98 -10.68 5.31
N PHE A 185 -4.47 -10.93 4.09
CA PHE A 185 -3.21 -11.67 3.95
C PHE A 185 -1.97 -10.82 4.27
N TRP A 186 -2.18 -9.51 4.42
CA TRP A 186 -1.15 -8.52 4.81
C TRP A 186 -1.46 -8.02 6.25
N TYR A 187 -2.38 -8.67 6.98
CA TYR A 187 -2.85 -8.23 8.30
C TYR A 187 -2.36 -9.01 9.52
N ALA A 188 -1.99 -8.24 10.57
CA ALA A 188 -1.54 -8.75 11.86
C ALA A 188 -2.69 -9.45 12.59
N PRO A 189 -2.41 -10.43 13.49
CA PRO A 189 -3.52 -11.15 14.17
C PRO A 189 -4.51 -10.26 14.91
N GLU A 190 -4.05 -9.17 15.54
CA GLU A 190 -4.94 -8.27 16.29
C GLU A 190 -5.97 -7.54 15.40
N CYS A 191 -5.71 -7.42 14.06
CA CYS A 191 -6.65 -6.81 13.11
C CYS A 191 -7.72 -7.83 12.74
N LEU A 192 -7.31 -9.08 12.57
CA LEU A 192 -8.19 -10.20 12.24
C LEU A 192 -9.10 -10.58 13.42
N LYS A 193 -8.51 -10.62 14.63
CA LYS A 193 -9.14 -11.03 15.88
C LYS A 193 -9.95 -9.92 16.58
N GLU A 194 -9.30 -8.81 16.97
CA GLU A 194 -9.91 -7.72 17.74
C GLU A 194 -10.45 -6.58 16.90
N TYR A 195 -10.15 -6.58 15.58
CA TYR A 195 -10.52 -5.51 14.64
C TYR A 195 -9.90 -4.16 15.06
N LYS A 196 -8.70 -4.25 15.65
CA LYS A 196 -7.92 -3.11 16.11
C LYS A 196 -6.71 -2.95 15.19
N PHE A 197 -6.45 -1.71 14.75
CA PHE A 197 -5.31 -1.45 13.87
C PHE A 197 -4.39 -0.45 14.53
N TYR A 198 -3.23 -0.93 15.02
CA TYR A 198 -2.18 -0.16 15.70
C TYR A 198 -1.12 0.30 14.69
N TYR A 199 -0.22 1.20 15.10
CA TYR A 199 0.91 1.61 14.26
C TYR A 199 1.76 0.37 13.93
N ALA A 200 1.93 -0.54 14.92
CA ALA A 200 2.64 -1.82 14.79
C ALA A 200 2.01 -2.75 13.78
N SER A 201 0.68 -2.61 13.55
CA SER A 201 -0.06 -3.42 12.56
C SER A 201 0.44 -3.12 11.16
N ASP A 202 0.83 -1.86 10.91
CA ASP A 202 1.41 -1.41 9.65
C ASP A 202 2.80 -2.02 9.44
N VAL A 203 3.56 -2.30 10.54
CA VAL A 203 4.88 -2.92 10.47
C VAL A 203 4.75 -4.41 10.03
N TRP A 204 3.68 -5.12 10.49
CA TRP A 204 3.37 -6.49 10.08
C TRP A 204 3.23 -6.53 8.54
N SER A 205 2.43 -5.58 7.98
CA SER A 205 2.17 -5.40 6.55
C SER A 205 3.44 -5.10 5.79
N PHE A 206 4.36 -4.29 6.38
CA PHE A 206 5.67 -4.01 5.76
C PHE A 206 6.44 -5.33 5.61
N GLY A 207 6.40 -6.19 6.63
CA GLY A 207 7.05 -7.50 6.56
C GLY A 207 6.55 -8.29 5.36
N VAL A 208 5.21 -8.27 5.12
CA VAL A 208 4.53 -8.95 4.01
C VAL A 208 4.94 -8.32 2.65
N THR A 209 4.97 -6.97 2.61
CA THR A 209 5.45 -6.19 1.46
C THR A 209 6.92 -6.54 1.17
N LEU A 210 7.74 -6.72 2.24
CA LEU A 210 9.15 -7.07 2.12
C LEU A 210 9.28 -8.48 1.55
N TYR A 211 8.42 -9.40 1.99
CA TYR A 211 8.35 -10.76 1.46
C TYR A 211 8.04 -10.72 -0.06
N GLU A 212 7.05 -9.90 -0.48
CA GLU A 212 6.63 -9.74 -1.89
C GLU A 212 7.79 -9.25 -2.77
N LEU A 213 8.67 -8.37 -2.22
CA LEU A 213 9.81 -7.85 -2.98
C LEU A 213 10.85 -8.94 -3.19
N LEU A 214 11.17 -9.71 -2.13
CA LEU A 214 12.17 -10.77 -2.24
C LEU A 214 11.69 -11.96 -3.09
N THR A 215 10.36 -12.03 -3.35
CA THR A 215 9.77 -13.05 -4.23
C THR A 215 9.55 -12.49 -5.63
N HIS A 216 9.96 -11.21 -5.87
CA HIS A 216 9.79 -10.46 -7.14
C HIS A 216 8.33 -10.35 -7.57
N CYS A 217 7.41 -10.40 -6.60
CA CYS A 217 5.96 -10.40 -6.75
C CYS A 217 5.47 -11.54 -7.68
N ASP A 218 6.14 -12.71 -7.59
CA ASP A 218 5.74 -13.93 -8.31
C ASP A 218 4.41 -14.36 -7.67
N SER A 219 3.33 -14.38 -8.47
CA SER A 219 1.99 -14.69 -7.98
C SER A 219 1.85 -16.10 -7.41
N SER A 220 2.71 -17.06 -7.84
CA SER A 220 2.72 -18.42 -7.32
C SER A 220 3.34 -18.49 -5.90
N GLN A 221 4.06 -17.41 -5.49
CA GLN A 221 4.68 -17.32 -4.16
CA GLN A 221 4.72 -17.27 -4.18
C GLN A 221 4.01 -16.20 -3.33
N SER A 222 2.90 -15.64 -3.83
CA SER A 222 2.14 -14.56 -3.20
C SER A 222 1.49 -14.91 -1.87
N PRO A 223 1.35 -13.90 -0.97
CA PRO A 223 0.70 -14.17 0.33
C PRO A 223 -0.68 -14.85 0.19
N PRO A 224 -1.64 -14.43 -0.67
CA PRO A 224 -2.90 -15.18 -0.79
C PRO A 224 -2.72 -16.59 -1.29
N THR A 225 -1.85 -16.84 -2.29
CA THR A 225 -1.58 -18.18 -2.84
C THR A 225 -0.98 -19.09 -1.76
N LYS A 226 0.01 -18.56 -1.02
CA LYS A 226 0.71 -19.25 0.05
C LYS A 226 -0.23 -19.58 1.21
N PHE A 227 -0.95 -18.57 1.75
CA PHE A 227 -1.92 -18.80 2.83
C PHE A 227 -3.09 -19.68 2.42
N LEU A 228 -3.61 -19.53 1.21
CA LEU A 228 -4.72 -20.38 0.76
C LEU A 228 -4.30 -21.83 0.42
N GLU A 229 -3.00 -22.10 0.26
CA GLU A 229 -2.47 -23.46 0.11
C GLU A 229 -2.44 -24.12 1.52
N LEU A 230 -2.06 -23.33 2.55
CA LEU A 230 -1.96 -23.75 3.96
C LEU A 230 -3.32 -24.04 4.57
N ILE A 231 -4.28 -23.17 4.31
CA ILE A 231 -5.64 -23.22 4.85
C ILE A 231 -6.52 -24.19 4.03
N GLY A 232 -6.40 -24.11 2.72
CA GLY A 232 -7.26 -24.87 1.82
C GLY A 232 -8.51 -24.05 1.56
N ILE A 233 -9.32 -24.47 0.59
CA ILE A 233 -10.53 -23.74 0.22
C ILE A 233 -11.83 -24.57 0.43
N ALA A 234 -11.74 -25.66 1.22
CA ALA A 234 -12.89 -26.48 1.61
C ALA A 234 -13.70 -25.75 2.73
N GLN A 235 -13.08 -24.72 3.37
N GLN A 235 -13.04 -24.73 3.33
CA GLN A 235 -13.55 -23.91 4.49
CA GLN A 235 -13.43 -23.83 4.42
C GLN A 235 -14.76 -23.04 4.17
C GLN A 235 -14.41 -22.79 3.93
N GLY A 236 -15.84 -23.24 4.94
N GLY A 236 -13.91 -21.89 3.09
CA GLY A 236 -17.10 -22.54 4.80
CA GLY A 236 -14.68 -20.80 2.50
C GLY A 236 -17.26 -21.32 5.68
C GLY A 236 -15.00 -19.71 3.50
N GLN A 237 -16.85 -20.15 5.13
N GLN A 237 -15.96 -19.97 4.41
CA GLN A 237 -16.85 -18.83 5.80
CA GLN A 237 -16.39 -18.97 5.39
C GLN A 237 -15.83 -18.83 6.96
C GLN A 237 -15.43 -18.82 6.57
N MET A 238 -14.76 -19.64 6.84
N MET A 238 -14.63 -19.84 6.87
CA MET A 238 -13.76 -19.73 7.90
CA MET A 238 -13.70 -19.74 7.99
C MET A 238 -12.29 -19.57 7.43
C MET A 238 -12.25 -19.46 7.56
N THR A 239 -12.06 -18.66 6.48
CA THR A 239 -10.72 -18.31 5.98
C THR A 239 -9.95 -17.47 7.02
N VAL A 240 -10.55 -16.37 7.51
CA VAL A 240 -9.94 -15.47 8.52
C VAL A 240 -9.63 -16.20 9.85
N LEU A 241 -10.54 -17.08 10.33
CA LEU A 241 -10.37 -17.85 11.57
C LEU A 241 -9.16 -18.79 11.51
N ARG A 242 -9.03 -19.58 10.42
CA ARG A 242 -7.92 -20.49 10.15
C ARG A 242 -6.61 -19.71 9.99
N LEU A 243 -6.70 -18.49 9.38
CA LEU A 243 -5.56 -17.58 9.20
C LEU A 243 -5.10 -17.11 10.56
N THR A 244 -6.03 -16.64 11.42
CA THR A 244 -5.74 -16.20 12.79
C THR A 244 -5.11 -17.36 13.57
N GLU A 245 -5.63 -18.59 13.39
CA GLU A 245 -5.17 -19.82 14.04
C GLU A 245 -3.77 -20.25 13.65
N LEU A 246 -3.47 -20.25 12.34
CA LEU A 246 -2.14 -20.65 11.91
C LEU A 246 -1.08 -19.63 12.37
N LEU A 247 -1.47 -18.34 12.48
CA LEU A 247 -0.55 -17.26 12.90
C LEU A 247 -0.24 -17.34 14.41
N GLU A 248 -1.22 -17.80 15.21
CA GLU A 248 -1.14 -18.03 16.66
C GLU A 248 -0.17 -19.18 16.92
N ARG A 249 -0.17 -20.22 16.04
CA ARG A 249 0.73 -21.39 16.09
C ARG A 249 2.17 -21.00 15.69
N GLY A 250 2.34 -19.75 15.25
CA GLY A 250 3.62 -19.19 14.87
C GLY A 250 4.05 -19.48 13.44
N GLU A 251 3.12 -20.00 12.62
CA GLU A 251 3.41 -20.30 11.23
C GLU A 251 3.44 -19.01 10.45
N ARG A 252 4.42 -18.93 9.52
CA ARG A 252 4.68 -17.74 8.71
C ARG A 252 4.95 -18.10 7.25
N LEU A 253 4.96 -17.08 6.37
CA LEU A 253 5.28 -17.25 4.95
C LEU A 253 6.75 -17.66 4.88
N PRO A 254 7.17 -18.55 3.96
CA PRO A 254 8.56 -19.04 3.99
C PRO A 254 9.62 -18.01 3.62
N ARG A 255 10.91 -18.38 3.80
CA ARG A 255 12.04 -17.55 3.44
C ARG A 255 12.10 -17.52 1.92
N PRO A 256 11.98 -16.33 1.26
CA PRO A 256 12.08 -16.30 -0.20
C PRO A 256 13.44 -16.81 -0.67
N ASP A 257 13.51 -17.41 -1.87
CA ASP A 257 14.75 -17.94 -2.43
C ASP A 257 15.79 -16.84 -2.48
N LYS A 258 17.05 -17.17 -2.13
CA LYS A 258 18.19 -16.25 -2.14
C LYS A 258 18.02 -15.01 -1.21
N CYS A 259 17.04 -15.03 -0.29
CA CYS A 259 16.87 -13.98 0.71
C CYS A 259 17.91 -14.20 1.82
N PRO A 260 18.70 -13.15 2.18
CA PRO A 260 19.69 -13.31 3.26
C PRO A 260 19.03 -13.71 4.58
N ALA A 261 19.73 -14.54 5.37
CA ALA A 261 19.29 -15.08 6.65
C ALA A 261 18.84 -14.00 7.63
N GLU A 262 19.66 -12.95 7.81
CA GLU A 262 19.37 -11.85 8.72
C GLU A 262 18.19 -10.99 8.22
N VAL A 263 17.99 -10.94 6.90
CA VAL A 263 16.86 -10.24 6.29
C VAL A 263 15.58 -11.00 6.60
N TYR A 264 15.61 -12.35 6.55
CA TYR A 264 14.45 -13.16 6.94
C TYR A 264 14.16 -13.00 8.44
N HIS A 265 15.20 -12.76 9.28
CA HIS A 265 15.05 -12.53 10.72
C HIS A 265 14.29 -11.23 10.98
N LEU A 266 14.61 -10.19 10.19
CA LEU A 266 13.97 -8.88 10.27
C LEU A 266 12.50 -9.04 9.89
N MET A 267 12.23 -9.79 8.79
CA MET A 267 10.89 -10.11 8.31
C MET A 267 10.07 -10.77 9.41
N LYS A 268 10.65 -11.81 10.06
CA LYS A 268 10.02 -12.58 11.15
C LYS A 268 9.77 -11.73 12.38
N ASN A 269 10.61 -10.69 12.57
CA ASN A 269 10.52 -9.73 13.67
C ASN A 269 9.39 -8.70 13.41
N CYS A 270 9.17 -8.33 12.12
CA CYS A 270 8.05 -7.47 11.70
C CYS A 270 6.77 -8.28 11.89
N TRP A 271 6.88 -9.63 12.01
CA TRP A 271 5.75 -10.51 12.18
C TRP A 271 5.63 -11.10 13.57
N GLU A 272 6.08 -10.36 14.60
CA GLU A 272 5.94 -10.84 15.99
C GLU A 272 4.46 -10.92 16.29
N THR A 273 3.99 -12.02 16.89
CA THR A 273 2.58 -12.16 17.25
C THR A 273 2.16 -10.98 18.16
N GLU A 274 2.97 -10.67 19.20
CA GLU A 274 2.76 -9.54 20.12
C GLU A 274 3.27 -8.26 19.42
N ALA A 275 2.34 -7.34 19.11
CA ALA A 275 2.56 -6.08 18.41
C ALA A 275 3.66 -5.22 19.03
N SER A 276 3.74 -5.20 20.37
CA SER A 276 4.75 -4.47 21.15
C SER A 276 6.18 -4.89 20.85
N PHE A 277 6.41 -6.15 20.41
CA PHE A 277 7.75 -6.69 20.11
C PHE A 277 8.19 -6.42 18.65
N ARG A 278 7.40 -5.68 17.88
CA ARG A 278 7.74 -5.40 16.48
C ARG A 278 8.53 -4.09 16.41
N PRO A 279 9.53 -3.94 15.50
CA PRO A 279 10.26 -2.67 15.44
C PRO A 279 9.37 -1.59 14.84
N THR A 280 9.61 -0.32 15.21
CA THR A 280 8.82 0.77 14.65
C THR A 280 9.40 1.02 13.26
N PHE A 281 8.80 1.91 12.49
CA PHE A 281 9.36 2.25 11.19
C PHE A 281 10.65 3.04 11.37
N GLU A 282 10.74 3.83 12.46
CA GLU A 282 11.95 4.59 12.80
C GLU A 282 13.12 3.66 13.12
N ASN A 283 12.85 2.52 13.77
CA ASN A 283 13.83 1.49 14.10
C ASN A 283 14.40 0.82 12.87
N LEU A 284 13.55 0.56 11.88
CA LEU A 284 13.93 -0.15 10.65
C LEU A 284 14.79 0.66 9.68
N ILE A 285 14.62 1.99 9.62
CA ILE A 285 15.39 2.87 8.75
C ILE A 285 16.92 2.67 8.95
N PRO A 286 17.52 2.84 10.16
CA PRO A 286 18.98 2.60 10.29
C PRO A 286 19.41 1.17 9.99
N ILE A 287 18.55 0.20 10.35
CA ILE A 287 18.82 -1.22 10.09
C ILE A 287 18.92 -1.44 8.57
N LEU A 288 17.90 -1.04 7.81
CA LEU A 288 17.83 -1.24 6.36
C LEU A 288 18.92 -0.48 5.59
N LYS A 289 19.36 0.71 6.07
CA LYS A 289 20.44 1.51 5.43
C LYS A 289 21.73 0.71 5.43
N THR A 290 21.98 0.02 6.55
CA THR A 290 23.15 -0.81 6.84
C THR A 290 23.12 -2.07 5.99
N VAL A 291 21.97 -2.76 5.97
CA VAL A 291 21.71 -3.98 5.21
C VAL A 291 21.88 -3.67 3.70
N HIS A 292 21.30 -2.56 3.23
CA HIS A 292 21.43 -2.13 1.83
C HIS A 292 22.90 -1.90 1.46
N GLU A 293 23.66 -1.22 2.34
CA GLU A 293 25.09 -0.95 2.18
C GLU A 293 25.90 -2.26 2.12
N LYS A 294 25.60 -3.22 2.99
CA LYS A 294 26.28 -4.52 3.04
C LYS A 294 26.14 -5.28 1.71
N TYR A 295 24.93 -5.30 1.14
CA TYR A 295 24.66 -6.05 -0.09
C TYR A 295 24.86 -5.23 -1.39
N ARG A 296 25.12 -3.89 -1.28
CA ARG A 296 25.36 -3.10 -2.51
C ARG A 296 26.81 -3.20 -2.96
C4 9ZS B . -2.67 2.64 -8.37
C5 9ZS B . -2.27 2.20 -7.09
C6 9ZS B . -2.98 1.18 -6.43
C11 9ZS B . -1.19 5.80 -9.43
C8 9ZS B . -1.94 3.76 -9.02
C12 9ZS B . -0.84 7.14 -9.49
C13 9ZS B . 0.12 7.56 -10.40
C3 9ZS B . -3.81 2.06 -8.94
C1 9ZS B . -4.10 0.62 -7.02
C2 9ZS B . -4.51 1.05 -8.28
CL7 9ZS B . -0.89 2.91 -6.35
N9 9ZS B . -2.03 5.06 -8.63
N14 9ZS B . 0.64 6.70 -11.26
C15 9ZS B . 0.31 5.40 -11.30
C16 9ZS B . -0.60 4.88 -10.34
N17 9ZS B . -1.13 3.67 -10.06
N18 9ZS B . 0.95 4.66 -12.29
C19 9ZS B . 0.45 3.70 -13.10
O20 9ZS B . -0.69 3.29 -13.01
C21 9ZS B . 1.42 3.16 -14.13
C22 9ZS B . 1.21 1.76 -14.73
C23 9ZS B . 0.95 3.01 -15.57
CL24 9ZS B . -4.34 2.61 -10.49
#